data_4XNV
#
_entry.id   4XNV
#
_cell.length_a   66.270
_cell.length_b   66.270
_cell.length_c   239.070
_cell.angle_alpha   90.00
_cell.angle_beta   90.00
_cell.angle_gamma   120.00
#
_symmetry.space_group_name_H-M   'H 3'
#
loop_
_entity.id
_entity.type
_entity.pdbx_description
1 polymer 'P2Y purinoceptor 1, Rubredoxin, P2Y purinoceptor 1'
2 non-polymer 1-[2-(2-tert-butylphenoxy)pyridin-3-yl]-3-[4-(trifluoromethoxy)phenyl]urea
3 non-polymer CHOLESTEROL
4 non-polymer 'CHOLESTEROL HEMISUCCINATE'
5 non-polymer '(2R)-2,3-dihydroxypropyl (9Z)-octadec-9-enoate'
6 non-polymer 'PENTAETHYLENE GLYCOL'
7 non-polymer 'ZINC ION'
8 water water
#
_entity_poly.entity_id   1
_entity_poly.type   'polypeptide(L)'
_entity_poly.pdbx_seq_one_letter_code
;TEVLWPAVPNGTDAAFLAGPGSSWGNSTVASTAAVSSSFKCALTKTGFQFYYLPAVYILVFIIGFLGNSVAIWMFVFHMK
PWSGISVYMFNLALADFLYVLTLPALIFYYFNKTDWIFGDAMCKLQRFIFHVNLYGSILFLTCISAHRYSGVVYPLKSLG
RLKKKNAICISVLVWLIVVVAISPILFYSGTGVRKNKTITCYDTTSDEYLRSYFIYSMCTTVAMFCVPLVLILGCYGLIV
RALIYKMKKYTCTVCGYIYNPEDGDPDNGVNPGTDFKDIPDDWVCPLCGVGKDQFEEVEEPLRRKSIYLVIIVLTVFAVS
YIPFHVMKTMNLRARLDFQTPAMCAFNDRVYATYQVTRGLASLNSCVNPILYFLAGDTFRRRLSRATRKASRRSEANLQS
KSEDMTLNILPEFKQNGDTSL
;
_entity_poly.pdbx_strand_id   A
#
loop_
_chem_comp.id
_chem_comp.type
_chem_comp.name
_chem_comp.formula
1PE non-polymer 'PENTAETHYLENE GLYCOL' 'C10 H22 O6'
BUR non-polymer 1-[2-(2-tert-butylphenoxy)pyridin-3-yl]-3-[4-(trifluoromethoxy)phenyl]urea 'C23 H22 F3 N3 O3'
CLR non-polymer CHOLESTEROL 'C27 H46 O'
OLC non-polymer '(2R)-2,3-dihydroxypropyl (9Z)-octadec-9-enoate' 'C21 H40 O4'
Y01 non-polymer 'CHOLESTEROL HEMISUCCINATE' 'C31 H50 O4'
ZN non-polymer 'ZINC ION' 'Zn 2'
#
# COMPACT_ATOMS: atom_id res chain seq x y z
N SER A 38 -40.47 -1.35 10.36
CA SER A 38 -39.25 -1.36 9.57
C SER A 38 -38.69 -2.77 9.42
N PHE A 39 -38.88 -3.36 8.22
CA PHE A 39 -38.38 -4.70 7.89
C PHE A 39 -36.85 -4.71 7.86
N LYS A 40 -36.25 -5.80 8.38
CA LYS A 40 -34.81 -6.00 8.37
C LYS A 40 -34.49 -7.42 7.93
N CYS A 41 -33.45 -7.59 7.09
CA CYS A 41 -32.99 -8.89 6.61
C CYS A 41 -32.34 -9.63 7.77
N ALA A 42 -32.93 -10.78 8.18
CA ALA A 42 -32.45 -11.61 9.27
C ALA A 42 -31.10 -12.25 8.92
N LEU A 43 -30.01 -11.47 9.08
CA LEU A 43 -28.63 -11.88 8.78
C LEU A 43 -28.19 -13.10 9.59
N THR A 44 -27.74 -14.14 8.87
CA THR A 44 -27.27 -15.40 9.44
C THR A 44 -25.99 -15.88 8.74
N LYS A 45 -24.84 -15.54 9.33
CA LYS A 45 -23.51 -15.91 8.84
C LYS A 45 -22.63 -16.30 10.04
N THR A 46 -22.55 -17.62 10.29
CA THR A 46 -21.78 -18.21 11.40
C THR A 46 -20.98 -19.44 10.95
N GLY A 47 -19.80 -19.61 11.55
CA GLY A 47 -18.88 -20.71 11.27
C GLY A 47 -17.85 -20.41 10.20
N PHE A 48 -17.95 -19.22 9.56
CA PHE A 48 -17.05 -18.79 8.50
C PHE A 48 -16.27 -17.53 8.88
N GLN A 49 -16.97 -16.39 9.02
CA GLN A 49 -16.40 -15.07 9.36
C GLN A 49 -15.82 -15.01 10.78
N PHE A 50 -16.35 -15.84 11.69
CA PHE A 50 -15.89 -15.88 13.09
C PHE A 50 -14.63 -16.74 13.28
N TYR A 51 -14.09 -17.28 12.18
CA TYR A 51 -12.86 -18.05 12.14
C TYR A 51 -11.87 -17.37 11.18
N TYR A 52 -12.37 -16.87 10.01
CA TYR A 52 -11.56 -16.22 8.99
C TYR A 52 -10.80 -14.97 9.45
N LEU A 53 -11.53 -13.94 9.92
CA LEU A 53 -10.94 -12.69 10.41
C LEU A 53 -9.94 -12.94 11.54
N PRO A 54 -10.27 -13.69 12.64
CA PRO A 54 -9.25 -13.94 13.67
C PRO A 54 -8.02 -14.67 13.16
N ALA A 55 -8.15 -15.62 12.18
CA ALA A 55 -7.01 -16.34 11.60
C ALA A 55 -6.12 -15.40 10.79
N VAL A 56 -6.73 -14.57 9.92
CA VAL A 56 -6.03 -13.56 9.13
C VAL A 56 -5.34 -12.58 10.07
N TYR A 57 -6.05 -12.11 11.13
CA TYR A 57 -5.47 -11.17 12.11
C TYR A 57 -4.25 -11.73 12.86
N ILE A 58 -4.25 -13.05 13.16
CA ILE A 58 -3.12 -13.73 13.82
C ILE A 58 -1.93 -13.76 12.85
N LEU A 59 -2.20 -14.17 11.58
CA LEU A 59 -1.25 -14.25 10.47
C LEU A 59 -0.60 -12.89 10.21
N VAL A 60 -1.44 -11.83 10.13
CA VAL A 60 -1.00 -10.45 9.90
C VAL A 60 -0.20 -9.97 11.10
N PHE A 61 -0.64 -10.29 12.34
CA PHE A 61 0.13 -9.89 13.52
C PHE A 61 1.53 -10.47 13.54
N ILE A 62 1.66 -11.79 13.33
CA ILE A 62 2.95 -12.51 13.36
C ILE A 62 3.89 -12.02 12.26
N ILE A 63 3.44 -12.06 10.98
CA ILE A 63 4.24 -11.64 9.82
C ILE A 63 4.48 -10.12 9.80
N GLY A 64 3.42 -9.34 10.08
CA GLY A 64 3.45 -7.87 10.14
C GLY A 64 4.33 -7.31 11.24
N PHE A 65 4.27 -7.90 12.46
CA PHE A 65 5.10 -7.43 13.55
C PHE A 65 6.57 -7.71 13.22
N LEU A 66 6.87 -8.91 12.68
CA LEU A 66 8.22 -9.33 12.29
C LEU A 66 8.82 -8.42 11.21
N GLY A 67 8.16 -8.36 10.05
CA GLY A 67 8.57 -7.54 8.90
C GLY A 67 8.72 -6.06 9.19
N ASN A 68 7.74 -5.47 9.92
CA ASN A 68 7.79 -4.06 10.28
C ASN A 68 8.75 -3.75 11.41
N SER A 69 9.03 -4.73 12.30
CA SER A 69 10.02 -4.56 13.36
C SER A 69 11.40 -4.54 12.72
N VAL A 70 11.63 -5.44 11.75
CA VAL A 70 12.88 -5.54 10.99
C VAL A 70 13.08 -4.25 10.20
N ALA A 71 12.04 -3.79 9.45
CA ALA A 71 12.06 -2.57 8.64
C ALA A 71 12.37 -1.32 9.47
N ILE A 72 11.65 -1.10 10.60
CA ILE A 72 11.86 0.03 11.52
C ILE A 72 13.27 0.01 12.14
N TRP A 73 13.80 -1.19 12.45
CA TRP A 73 15.15 -1.43 13.00
C TRP A 73 16.19 -1.05 11.93
N MET A 74 15.99 -1.56 10.70
CA MET A 74 16.87 -1.33 9.55
C MET A 74 16.94 0.14 9.12
N PHE A 75 15.80 0.88 9.13
CA PHE A 75 15.82 2.29 8.74
C PHE A 75 16.48 3.19 9.80
N VAL A 76 16.23 2.92 11.09
CA VAL A 76 16.77 3.68 12.22
C VAL A 76 18.27 3.45 12.48
N PHE A 77 18.68 2.17 12.62
CA PHE A 77 20.06 1.78 12.95
C PHE A 77 20.95 1.34 11.78
N HIS A 78 20.39 1.10 10.58
CA HIS A 78 21.19 0.64 9.44
C HIS A 78 20.98 1.46 8.15
N MET A 79 20.63 2.76 8.31
CA MET A 79 20.40 3.69 7.19
C MET A 79 20.67 5.14 7.64
N LYS A 80 21.75 5.73 7.09
CA LYS A 80 22.17 7.11 7.38
C LYS A 80 23.03 7.69 6.23
N PRO A 81 22.57 8.74 5.50
CA PRO A 81 21.29 9.46 5.64
C PRO A 81 20.15 8.77 4.88
N TRP A 82 18.89 9.22 5.13
CA TRP A 82 17.72 8.68 4.47
C TRP A 82 17.45 9.46 3.18
N SER A 83 17.17 8.74 2.09
CA SER A 83 16.82 9.33 0.80
C SER A 83 15.35 9.77 0.84
N GLY A 84 14.84 10.28 -0.28
CA GLY A 84 13.45 10.71 -0.41
C GLY A 84 12.50 9.56 -0.13
N ILE A 85 12.63 8.46 -0.90
CA ILE A 85 11.80 7.25 -0.75
C ILE A 85 11.91 6.59 0.64
N SER A 86 13.09 6.65 1.28
CA SER A 86 13.35 6.09 2.61
C SER A 86 12.47 6.75 3.67
N VAL A 87 12.26 8.08 3.55
CA VAL A 87 11.40 8.88 4.42
C VAL A 87 9.95 8.35 4.29
N TYR A 88 9.45 8.23 3.03
CA TYR A 88 8.10 7.72 2.75
C TYR A 88 7.93 6.26 3.17
N MET A 89 8.97 5.43 2.92
CA MET A 89 8.95 4.01 3.27
C MET A 89 8.96 3.79 4.76
N PHE A 90 9.68 4.64 5.52
CA PHE A 90 9.71 4.56 6.98
C PHE A 90 8.32 4.95 7.54
N ASN A 91 7.69 5.96 6.95
CA ASN A 91 6.36 6.42 7.36
C ASN A 91 5.30 5.35 7.10
N LEU A 92 5.40 4.64 5.95
CA LEU A 92 4.51 3.53 5.58
C LEU A 92 4.67 2.37 6.60
N ALA A 93 5.92 2.08 7.01
CA ALA A 93 6.26 1.04 7.99
C ALA A 93 5.73 1.41 9.38
N LEU A 94 5.73 2.72 9.70
CA LEU A 94 5.23 3.27 10.95
C LEU A 94 3.70 3.13 11.03
N ALA A 95 3.01 3.36 9.90
CA ALA A 95 1.56 3.23 9.77
C ALA A 95 1.14 1.75 9.91
N ASP A 96 1.97 0.82 9.41
CA ASP A 96 1.70 -0.60 9.46
C ASP A 96 1.92 -1.21 10.85
N PHE A 97 3.07 -0.90 11.48
CA PHE A 97 3.45 -1.36 12.82
C PHE A 97 2.43 -0.91 13.88
N LEU A 98 1.99 0.38 13.82
CA LEU A 98 0.99 0.96 14.73
C LEU A 98 -0.31 0.16 14.65
N TYR A 99 -0.80 -0.08 13.41
CA TYR A 99 -2.01 -0.88 13.17
C TYR A 99 -1.83 -2.31 13.64
N VAL A 100 -0.65 -2.91 13.35
CA VAL A 100 -0.28 -4.27 13.76
C VAL A 100 -0.32 -4.40 15.29
N LEU A 101 0.11 -3.35 16.00
CA LEU A 101 0.11 -3.24 17.47
C LEU A 101 -1.30 -3.43 18.08
N THR A 102 -2.35 -3.06 17.34
CA THR A 102 -3.74 -3.14 17.81
C THR A 102 -4.39 -4.50 17.58
N LEU A 103 -3.82 -5.32 16.68
CA LEU A 103 -4.38 -6.62 16.33
C LEU A 103 -4.67 -7.59 17.47
N PRO A 104 -3.79 -7.78 18.50
CA PRO A 104 -4.14 -8.72 19.60
C PRO A 104 -5.47 -8.44 20.28
N ALA A 105 -5.84 -7.14 20.47
CA ALA A 105 -7.13 -6.70 21.03
C ALA A 105 -8.29 -7.25 20.17
N LEU A 106 -8.17 -7.09 18.84
CA LEU A 106 -9.15 -7.56 17.87
C LEU A 106 -9.26 -9.06 17.85
N ILE A 107 -8.10 -9.77 17.92
CA ILE A 107 -8.00 -11.22 17.95
C ILE A 107 -8.70 -11.74 19.24
N PHE A 108 -8.49 -11.05 20.40
CA PHE A 108 -9.11 -11.35 21.69
C PHE A 108 -10.62 -11.24 21.59
N TYR A 109 -11.12 -10.13 20.99
CA TYR A 109 -12.54 -9.83 20.78
C TYR A 109 -13.24 -10.98 20.04
N TYR A 110 -12.61 -11.52 18.96
CA TYR A 110 -13.16 -12.67 18.21
C TYR A 110 -13.13 -13.96 18.99
N PHE A 111 -12.10 -14.13 19.84
CA PHE A 111 -11.93 -15.30 20.72
C PHE A 111 -12.80 -15.16 21.99
N ASN A 112 -13.42 -13.98 22.20
CA ASN A 112 -14.29 -13.69 23.34
C ASN A 112 -15.76 -13.51 22.91
N LYS A 113 -16.21 -14.32 21.91
CA LYS A 113 -17.58 -14.34 21.36
C LYS A 113 -18.08 -12.94 20.97
N THR A 114 -17.19 -12.14 20.34
CA THR A 114 -17.43 -10.75 19.91
C THR A 114 -17.93 -9.83 21.04
N ASP A 115 -17.31 -9.94 22.23
CA ASP A 115 -17.61 -9.13 23.40
C ASP A 115 -16.41 -8.22 23.73
N TRP A 116 -16.53 -6.92 23.39
CA TRP A 116 -15.49 -5.92 23.61
C TRP A 116 -15.40 -5.53 25.09
N ILE A 117 -14.27 -5.83 25.72
CA ILE A 117 -14.03 -5.57 27.14
C ILE A 117 -13.10 -4.37 27.37
N PHE A 118 -12.60 -3.76 26.29
CA PHE A 118 -11.65 -2.65 26.39
C PHE A 118 -12.22 -1.25 26.51
N GLY A 119 -13.55 -1.12 26.47
CA GLY A 119 -14.23 0.15 26.60
C GLY A 119 -14.47 0.86 25.29
N ASP A 120 -15.31 1.90 25.35
CA ASP A 120 -15.74 2.73 24.23
C ASP A 120 -14.58 3.43 23.52
N ALA A 121 -13.71 4.10 24.28
CA ALA A 121 -12.53 4.84 23.79
C ALA A 121 -11.54 3.97 23.02
N MET A 122 -11.27 2.73 23.50
CA MET A 122 -10.35 1.79 22.86
C MET A 122 -10.93 1.24 21.58
N CYS A 123 -12.27 1.10 21.54
CA CYS A 123 -12.97 0.65 20.35
C CYS A 123 -12.83 1.70 19.26
N LYS A 124 -13.04 2.99 19.62
CA LYS A 124 -12.92 4.15 18.74
C LYS A 124 -11.50 4.25 18.18
N LEU A 125 -10.50 4.07 19.05
CA LEU A 125 -9.09 4.12 18.69
C LEU A 125 -8.71 2.95 17.79
N GLN A 126 -9.29 1.75 18.05
CA GLN A 126 -9.06 0.57 17.23
C GLN A 126 -9.51 0.88 15.79
N ARG A 127 -10.72 1.43 15.65
CA ARG A 127 -11.28 1.72 14.33
C ARG A 127 -10.59 2.87 13.61
N PHE A 128 -10.17 3.89 14.38
CA PHE A 128 -9.47 5.07 13.88
C PHE A 128 -8.12 4.68 13.27
N ILE A 129 -7.35 3.85 14.00
CA ILE A 129 -6.04 3.36 13.57
C ILE A 129 -6.14 2.53 12.28
N PHE A 130 -7.18 1.68 12.15
CA PHE A 130 -7.36 0.89 10.92
C PHE A 130 -7.49 1.85 9.71
N HIS A 131 -8.34 2.88 9.81
CA HIS A 131 -8.54 3.82 8.71
C HIS A 131 -7.34 4.73 8.48
N VAL A 132 -6.63 5.11 9.56
CA VAL A 132 -5.41 5.91 9.47
C VAL A 132 -4.33 5.10 8.74
N ASN A 133 -4.21 3.80 9.07
CA ASN A 133 -3.27 2.92 8.39
C ASN A 133 -3.64 2.77 6.91
N LEU A 134 -4.93 2.53 6.63
CA LEU A 134 -5.44 2.36 5.28
C LEU A 134 -5.12 3.54 4.37
N TYR A 135 -5.56 4.74 4.76
CA TYR A 135 -5.35 5.96 3.99
C TYR A 135 -3.95 6.52 4.02
N GLY A 136 -3.25 6.33 5.14
CA GLY A 136 -1.86 6.74 5.28
C GLY A 136 -1.01 5.92 4.33
N SER A 137 -1.27 4.59 4.27
CA SER A 137 -0.59 3.66 3.36
C SER A 137 -0.81 4.05 1.92
N ILE A 138 -2.07 4.30 1.53
CA ILE A 138 -2.42 4.71 0.17
C ILE A 138 -1.67 5.98 -0.20
N LEU A 139 -1.71 7.01 0.68
CA LEU A 139 -1.04 8.28 0.41
C LEU A 139 0.48 8.15 0.36
N PHE A 140 1.09 7.29 1.21
CA PHE A 140 2.53 7.07 1.18
C PHE A 140 2.96 6.26 -0.04
N LEU A 141 2.06 5.38 -0.53
CA LEU A 141 2.29 4.62 -1.77
C LEU A 141 2.24 5.60 -2.96
N THR A 142 1.38 6.63 -2.87
CA THR A 142 1.24 7.68 -3.88
C THR A 142 2.52 8.52 -3.90
N CYS A 143 3.05 8.86 -2.70
CA CYS A 143 4.29 9.63 -2.52
C CYS A 143 5.46 8.91 -3.19
N ILE A 144 5.62 7.60 -2.90
CA ILE A 144 6.67 6.74 -3.47
C ILE A 144 6.54 6.70 -5.00
N SER A 145 5.30 6.53 -5.50
CA SER A 145 4.98 6.49 -6.92
C SER A 145 5.31 7.81 -7.62
N ALA A 146 4.91 8.96 -7.03
CA ALA A 146 5.20 10.30 -7.56
C ALA A 146 6.70 10.62 -7.50
N HIS A 147 7.40 10.11 -6.47
CA HIS A 147 8.84 10.30 -6.31
C HIS A 147 9.61 9.53 -7.39
N ARG A 148 9.27 8.25 -7.65
CA ARG A 148 9.90 7.43 -8.69
C ARG A 148 9.64 7.99 -10.08
N TYR A 149 8.46 8.59 -10.31
CA TYR A 149 8.12 9.24 -11.59
C TYR A 149 9.05 10.43 -11.81
N SER A 150 9.32 11.22 -10.76
CA SER A 150 10.22 12.37 -10.80
C SER A 150 11.68 11.93 -11.05
N GLY A 151 12.07 10.80 -10.49
CA GLY A 151 13.40 10.24 -10.67
C GLY A 151 13.62 9.65 -12.05
N VAL A 152 12.63 8.86 -12.54
CA VAL A 152 12.66 8.20 -13.85
C VAL A 152 12.51 9.21 -15.02
N VAL A 153 11.47 10.05 -14.98
CA VAL A 153 11.18 11.02 -16.04
C VAL A 153 12.04 12.29 -16.00
N TYR A 154 12.20 12.91 -14.80
CA TYR A 154 12.99 14.16 -14.67
C TYR A 154 14.29 14.02 -13.80
N PRO A 155 15.34 13.29 -14.25
CA PRO A 155 16.56 13.19 -13.41
C PRO A 155 17.53 14.36 -13.58
N LYS A 157 22.99 16.63 -11.82
CA LYS A 157 21.85 16.86 -10.94
C LYS A 157 21.95 16.04 -9.66
N SER A 158 21.97 16.74 -8.50
CA SER A 158 22.05 16.11 -7.18
C SER A 158 21.26 16.91 -6.13
N LEU A 159 19.94 16.67 -6.08
CA LEU A 159 19.02 17.31 -5.15
C LEU A 159 18.69 16.37 -3.97
N GLY A 160 19.74 15.72 -3.44
CA GLY A 160 19.67 14.76 -2.34
C GLY A 160 19.00 15.29 -1.09
N ARG A 161 19.56 16.36 -0.48
CA ARG A 161 19.01 17.01 0.71
C ARG A 161 17.65 17.66 0.42
N LEU A 162 17.51 18.27 -0.78
CA LEU A 162 16.27 18.92 -1.25
C LEU A 162 15.12 17.91 -1.34
N LYS A 163 15.39 16.68 -1.81
CA LYS A 163 14.40 15.62 -1.92
C LYS A 163 14.06 15.04 -0.54
N LYS A 164 15.06 14.94 0.37
CA LYS A 164 14.88 14.44 1.74
C LYS A 164 14.06 15.42 2.58
N LYS A 165 14.44 16.72 2.57
CA LYS A 165 13.73 17.77 3.32
C LYS A 165 12.29 17.91 2.87
N ASN A 166 12.05 17.83 1.54
CA ASN A 166 10.71 17.90 0.95
C ASN A 166 9.91 16.65 1.33
N ALA A 167 10.54 15.45 1.32
CA ALA A 167 9.90 14.19 1.70
C ALA A 167 9.43 14.22 3.16
N ILE A 168 10.24 14.80 4.08
CA ILE A 168 9.89 14.94 5.49
C ILE A 168 8.69 15.88 5.64
N CYS A 169 8.73 17.03 4.95
CA CYS A 169 7.65 18.01 4.97
C CYS A 169 6.35 17.42 4.42
N ILE A 170 6.41 16.75 3.25
CA ILE A 170 5.28 16.10 2.60
C ILE A 170 4.69 15.02 3.52
N SER A 171 5.56 14.21 4.17
CA SER A 171 5.19 13.16 5.13
C SER A 171 4.36 13.72 6.28
N VAL A 172 4.80 14.86 6.85
CA VAL A 172 4.11 15.53 7.95
C VAL A 172 2.71 15.95 7.48
N LEU A 173 2.63 16.63 6.31
CA LEU A 173 1.37 17.07 5.70
C LEU A 173 0.43 15.88 5.48
N VAL A 174 0.96 14.75 4.95
CA VAL A 174 0.20 13.53 4.72
C VAL A 174 -0.43 13.03 6.03
N TRP A 175 0.38 12.94 7.11
CA TRP A 175 -0.12 12.52 8.42
C TRP A 175 -1.20 13.48 8.91
N LEU A 176 -1.00 14.80 8.72
CA LEU A 176 -1.99 15.81 9.11
C LEU A 176 -3.30 15.67 8.34
N ILE A 177 -3.22 15.52 7.00
CA ILE A 177 -4.39 15.31 6.12
C ILE A 177 -5.16 14.04 6.56
N VAL A 178 -4.45 12.90 6.74
CA VAL A 178 -5.06 11.64 7.14
C VAL A 178 -5.77 11.76 8.50
N VAL A 179 -5.06 12.22 9.55
CA VAL A 179 -5.61 12.41 10.91
C VAL A 179 -6.89 13.26 10.90
N VAL A 180 -6.86 14.41 10.20
CA VAL A 180 -8.02 15.29 10.07
C VAL A 180 -9.16 14.60 9.32
N ALA A 181 -8.90 14.07 8.12
CA ALA A 181 -9.94 13.41 7.31
C ALA A 181 -10.53 12.15 7.93
N ILE A 182 -9.74 11.44 8.75
CA ILE A 182 -10.14 10.20 9.41
C ILE A 182 -10.67 10.41 10.86
N SER A 183 -10.49 11.61 11.43
CA SER A 183 -10.99 11.95 12.77
C SER A 183 -12.50 11.67 12.98
N PRO A 184 -13.43 11.83 11.98
CA PRO A 184 -14.85 11.48 12.23
C PRO A 184 -15.09 10.02 12.65
N ILE A 185 -14.15 9.09 12.35
CA ILE A 185 -14.22 7.67 12.77
C ILE A 185 -14.30 7.62 14.31
N LEU A 186 -13.64 8.58 15.00
CA LEU A 186 -13.66 8.74 16.45
C LEU A 186 -15.06 9.11 16.95
N PHE A 187 -15.89 9.75 16.10
CA PHE A 187 -17.28 10.04 16.45
C PHE A 187 -18.18 8.83 16.15
N TYR A 188 -18.17 8.34 14.89
CA TYR A 188 -19.00 7.24 14.39
C TYR A 188 -18.82 5.91 15.09
N SER A 189 -17.57 5.46 15.23
CA SER A 189 -17.28 4.18 15.86
C SER A 189 -17.49 4.23 17.38
N GLY A 190 -17.58 3.07 17.99
CA GLY A 190 -17.80 2.95 19.42
C GLY A 190 -18.47 1.66 19.79
N THR A 191 -18.69 1.48 21.09
CA THR A 191 -19.31 0.28 21.66
C THR A 191 -20.83 0.40 21.74
N GLY A 192 -21.48 -0.76 21.62
CA GLY A 192 -22.92 -0.91 21.73
C GLY A 192 -23.30 -2.14 22.51
N VAL A 193 -24.35 -2.04 23.34
CA VAL A 193 -24.81 -3.16 24.15
C VAL A 193 -25.88 -3.94 23.36
N ARG A 194 -25.63 -5.23 23.12
CA ARG A 194 -26.56 -6.12 22.42
C ARG A 194 -27.71 -6.52 23.35
N LYS A 195 -28.76 -7.20 22.80
CA LYS A 195 -29.91 -7.68 23.58
C LYS A 195 -29.47 -8.77 24.58
N ASN A 196 -28.50 -9.61 24.19
CA ASN A 196 -27.94 -10.67 25.03
C ASN A 196 -26.90 -10.13 26.04
N LYS A 197 -26.89 -8.79 26.24
CA LYS A 197 -26.01 -8.02 27.14
C LYS A 197 -24.52 -7.93 26.78
N THR A 198 -24.12 -8.53 25.63
CA THR A 198 -22.72 -8.49 25.16
C THR A 198 -22.39 -7.12 24.55
N ILE A 199 -21.09 -6.79 24.43
CA ILE A 199 -20.65 -5.51 23.92
C ILE A 199 -20.01 -5.61 22.53
N THR A 200 -20.62 -4.94 21.55
CA THR A 200 -20.08 -4.88 20.19
C THR A 200 -19.19 -3.65 20.11
N CYS A 201 -18.08 -3.77 19.38
CA CYS A 201 -17.27 -2.63 19.01
C CYS A 201 -17.69 -2.43 17.53
N TYR A 202 -18.49 -1.38 17.25
CA TYR A 202 -19.01 -1.10 15.90
C TYR A 202 -17.92 -0.79 14.87
N ASP A 203 -17.85 -1.62 13.82
CA ASP A 203 -16.94 -1.43 12.68
C ASP A 203 -17.43 -0.24 11.84
N THR A 204 -18.74 0.01 11.79
CA THR A 204 -19.30 1.17 11.09
C THR A 204 -19.75 2.16 12.16
N THR A 205 -21.05 2.14 12.53
CA THR A 205 -21.65 3.02 13.56
C THR A 205 -23.03 2.49 13.95
N SER A 206 -23.77 3.24 14.80
CA SER A 206 -25.14 2.94 15.22
C SER A 206 -26.07 3.27 14.03
N ASP A 207 -27.31 2.71 14.02
CA ASP A 207 -28.31 2.93 12.95
C ASP A 207 -28.70 4.39 12.72
N GLU A 208 -28.68 5.19 13.81
CA GLU A 208 -28.99 6.62 13.83
C GLU A 208 -28.02 7.42 12.94
N TYR A 209 -26.72 7.07 12.94
CA TYR A 209 -25.69 7.79 12.18
C TYR A 209 -25.18 7.06 10.94
N LEU A 210 -25.78 5.91 10.60
CA LEU A 210 -25.38 5.05 9.48
C LEU A 210 -25.38 5.72 8.10
N ARG A 211 -26.44 6.45 7.77
CA ARG A 211 -26.57 7.14 6.48
C ARG A 211 -25.49 8.23 6.35
N SER A 212 -25.25 8.96 7.47
CA SER A 212 -24.24 10.01 7.56
C SER A 212 -22.85 9.37 7.36
N TYR A 213 -22.63 8.20 7.98
CA TYR A 213 -21.39 7.44 7.86
C TYR A 213 -21.11 7.01 6.40
N PHE A 214 -22.15 6.56 5.68
CA PHE A 214 -22.03 6.17 4.27
C PHE A 214 -21.58 7.36 3.43
N ILE A 215 -22.18 8.54 3.67
CA ILE A 215 -21.87 9.79 2.96
C ILE A 215 -20.41 10.18 3.22
N TYR A 216 -20.03 10.17 4.49
CA TYR A 216 -18.67 10.46 4.91
C TYR A 216 -17.69 9.47 4.27
N SER A 217 -18.00 8.16 4.30
CA SER A 217 -17.15 7.12 3.70
C SER A 217 -16.96 7.30 2.20
N MET A 218 -18.00 7.78 1.49
CA MET A 218 -17.93 8.05 0.06
C MET A 218 -16.95 9.19 -0.22
N CYS A 219 -16.93 10.23 0.66
CA CYS A 219 -16.06 11.39 0.54
C CYS A 219 -14.59 10.99 0.66
N THR A 220 -14.26 10.17 1.68
CA THR A 220 -12.91 9.65 1.88
C THR A 220 -12.49 8.62 0.82
N THR A 221 -13.44 7.78 0.34
CA THR A 221 -13.21 6.79 -0.73
C THR A 221 -12.77 7.51 -2.02
N VAL A 222 -13.48 8.59 -2.37
CA VAL A 222 -13.19 9.37 -3.57
C VAL A 222 -11.88 10.14 -3.42
N ALA A 223 -11.75 10.93 -2.32
CA ALA A 223 -10.59 11.78 -2.12
C ALA A 223 -9.29 11.07 -1.76
N MET A 224 -9.36 9.99 -0.96
CA MET A 224 -8.14 9.31 -0.50
C MET A 224 -7.88 7.91 -1.02
N PHE A 225 -8.75 7.46 -1.91
CA PHE A 225 -8.56 6.18 -2.57
C PHE A 225 -8.63 6.38 -4.10
N CYS A 226 -9.79 6.85 -4.63
CA CYS A 226 -9.99 7.08 -6.08
C CYS A 226 -9.00 8.00 -6.72
N VAL A 227 -8.82 9.23 -6.16
CA VAL A 227 -7.87 10.23 -6.66
C VAL A 227 -6.44 9.69 -6.57
N PRO A 228 -5.92 9.24 -5.41
CA PRO A 228 -4.57 8.64 -5.40
C PRO A 228 -4.41 7.48 -6.41
N LEU A 229 -5.45 6.63 -6.59
CA LEU A 229 -5.41 5.53 -7.57
C LEU A 229 -5.22 6.03 -9.00
N VAL A 230 -5.92 7.11 -9.39
CA VAL A 230 -5.79 7.67 -10.74
C VAL A 230 -4.39 8.27 -10.93
N LEU A 231 -3.86 8.89 -9.85
CA LEU A 231 -2.54 9.50 -9.80
C LEU A 231 -1.42 8.46 -9.89
N ILE A 232 -1.57 7.34 -9.17
CA ILE A 232 -0.61 6.23 -9.19
C ILE A 232 -0.54 5.63 -10.61
N LEU A 233 -1.71 5.36 -11.23
CA LEU A 233 -1.84 4.80 -12.59
C LEU A 233 -1.18 5.67 -13.66
N GLY A 234 -1.35 6.98 -13.54
CA GLY A 234 -0.76 7.97 -14.43
C GLY A 234 0.75 7.93 -14.34
N CYS A 235 1.29 7.96 -13.08
CA CYS A 235 2.71 7.86 -12.76
C CYS A 235 3.29 6.58 -13.35
N TYR A 236 2.62 5.42 -13.14
CA TYR A 236 3.05 4.12 -13.62
C TYR A 236 3.03 4.01 -15.14
N GLY A 237 2.03 4.62 -15.77
CA GLY A 237 1.91 4.66 -17.21
C GLY A 237 3.06 5.45 -17.83
N LEU A 238 3.41 6.58 -17.19
CA LEU A 238 4.50 7.46 -17.59
C LEU A 238 5.87 6.83 -17.28
N ILE A 239 5.97 6.04 -16.18
CA ILE A 239 7.20 5.33 -15.79
C ILE A 239 7.48 4.26 -16.84
N VAL A 240 6.47 3.43 -17.16
CA VAL A 240 6.57 2.35 -18.16
C VAL A 240 6.85 2.93 -19.57
N ARG A 241 6.18 4.05 -19.94
CA ARG A 241 6.38 4.74 -21.23
C ARG A 241 7.82 5.24 -21.40
N ALA A 242 8.40 5.86 -20.34
CA ALA A 242 9.78 6.37 -20.36
C ALA A 242 10.82 5.25 -20.43
N LEU A 243 10.54 4.11 -19.75
CA LEU A 243 11.45 2.96 -19.72
C LEU A 243 11.45 2.17 -21.03
N ILE A 244 10.25 1.86 -21.59
CA ILE A 244 10.10 1.10 -22.84
C ILE A 244 10.66 1.83 -24.08
N TYR A 245 10.66 3.18 -24.05
CA TYR A 245 11.16 4.02 -25.15
C TYR A 245 12.69 4.16 -25.17
N LYS A 246 13.40 3.67 -24.13
CA LYS A 246 14.86 3.73 -24.07
C LYS A 246 15.55 2.35 -24.18
N MET A 247 16.65 2.30 -24.96
CA MET A 247 17.45 1.10 -25.21
C MET A 247 18.29 0.71 -23.99
N LYS A 248 18.61 -0.59 -23.85
CA LYS A 248 19.37 -1.14 -22.72
C LYS A 248 20.89 -1.19 -22.99
N LYS A 249 21.68 -0.95 -21.93
CA LYS A 249 23.15 -0.97 -21.95
C LYS A 249 23.65 -2.41 -21.91
N TYR A 250 24.85 -2.66 -22.47
CA TYR A 250 25.48 -3.97 -22.52
C TYR A 250 26.88 -3.96 -21.91
N THR A 251 27.21 -4.98 -21.09
CA THR A 251 28.51 -5.10 -20.43
C THR A 251 29.30 -6.32 -20.89
N CYS A 252 30.64 -6.18 -20.93
CA CYS A 252 31.54 -7.26 -21.35
C CYS A 252 31.87 -8.19 -20.17
N THR A 253 31.73 -9.51 -20.40
CA THR A 253 32.00 -10.55 -19.41
C THR A 253 33.50 -10.82 -19.25
N VAL A 254 34.29 -10.46 -20.28
CA VAL A 254 35.75 -10.64 -20.33
C VAL A 254 36.48 -9.49 -19.59
N CYS A 255 36.14 -8.22 -19.91
CA CYS A 255 36.80 -7.05 -19.33
C CYS A 255 35.97 -6.26 -18.30
N GLY A 256 34.76 -5.87 -18.69
CA GLY A 256 33.86 -5.08 -17.85
C GLY A 256 33.44 -3.75 -18.44
N TYR A 257 33.65 -3.56 -19.77
CA TYR A 257 33.28 -2.34 -20.48
C TYR A 257 31.76 -2.27 -20.67
N ILE A 258 31.16 -1.13 -20.31
CA ILE A 258 29.73 -0.88 -20.44
C ILE A 258 29.46 -0.03 -21.68
N TYR A 259 28.77 -0.62 -22.67
CA TYR A 259 28.40 0.06 -23.92
C TYR A 259 27.07 0.78 -23.73
N ASN A 260 27.08 2.12 -23.82
CA ASN A 260 25.89 2.94 -23.69
C ASN A 260 25.27 3.13 -25.09
N PRO A 261 23.96 2.84 -25.28
CA PRO A 261 23.37 3.00 -26.63
C PRO A 261 23.32 4.46 -27.12
N GLU A 262 23.15 5.42 -26.18
CA GLU A 262 23.11 6.85 -26.49
C GLU A 262 24.48 7.42 -26.82
N ASP A 263 25.53 7.00 -26.08
CA ASP A 263 26.91 7.43 -26.29
C ASP A 263 27.55 6.77 -27.50
N GLY A 264 27.29 5.48 -27.69
CA GLY A 264 27.81 4.68 -28.79
C GLY A 264 29.31 4.44 -28.74
N ASP A 265 29.90 4.15 -29.91
CA ASP A 265 31.34 3.90 -30.07
C ASP A 265 31.82 4.45 -31.43
N PRO A 266 32.11 5.77 -31.54
CA PRO A 266 32.51 6.34 -32.84
C PRO A 266 33.91 5.95 -33.34
N ASP A 267 34.79 5.49 -32.43
CA ASP A 267 36.16 5.09 -32.72
C ASP A 267 36.26 3.89 -33.66
N ASN A 268 35.31 2.94 -33.57
CA ASN A 268 35.25 1.72 -34.39
C ASN A 268 34.31 1.84 -35.60
N GLY A 269 33.27 2.64 -35.48
CA GLY A 269 32.29 2.86 -36.55
C GLY A 269 30.84 2.69 -36.13
N VAL A 270 30.48 3.17 -34.93
CA VAL A 270 29.12 3.10 -34.38
C VAL A 270 28.66 4.53 -34.04
N ASN A 271 27.59 5.00 -34.71
CA ASN A 271 27.04 6.34 -34.50
C ASN A 271 26.30 6.46 -33.15
N PRO A 272 26.47 7.60 -32.41
CA PRO A 272 25.78 7.73 -31.11
C PRO A 272 24.25 7.81 -31.23
N GLY A 273 23.57 6.94 -30.49
CA GLY A 273 22.12 6.84 -30.48
C GLY A 273 21.58 5.50 -30.99
N THR A 274 22.42 4.77 -31.76
CA THR A 274 22.06 3.47 -32.35
C THR A 274 22.03 2.33 -31.33
N ASP A 275 21.18 1.32 -31.61
CA ASP A 275 21.00 0.11 -30.79
C ASP A 275 22.21 -0.82 -30.89
N PHE A 276 22.37 -1.75 -29.92
CA PHE A 276 23.44 -2.74 -29.86
C PHE A 276 23.35 -3.74 -31.03
N LYS A 277 22.12 -4.08 -31.46
CA LYS A 277 21.86 -5.02 -32.56
C LYS A 277 22.22 -4.46 -33.95
N ASP A 278 22.31 -3.12 -34.08
CA ASP A 278 22.64 -2.41 -35.31
C ASP A 278 24.08 -2.65 -35.81
N ILE A 279 25.00 -3.00 -34.88
CA ILE A 279 26.42 -3.25 -35.18
C ILE A 279 26.57 -4.59 -35.92
N VAL A 284 33.24 -5.53 -32.24
CA VAL A 284 34.35 -5.76 -31.32
C VAL A 284 34.41 -4.72 -30.20
N CYS A 285 34.78 -5.17 -28.98
CA CYS A 285 34.90 -4.33 -27.78
C CYS A 285 36.08 -3.34 -27.90
N PRO A 286 35.87 -2.02 -27.66
CA PRO A 286 36.99 -1.06 -27.77
C PRO A 286 38.07 -1.22 -26.71
N LEU A 287 37.71 -1.78 -25.54
CA LEU A 287 38.64 -2.00 -24.43
C LEU A 287 39.54 -3.22 -24.64
N CYS A 288 39.02 -4.44 -24.45
CA CYS A 288 39.80 -5.68 -24.62
C CYS A 288 39.96 -6.13 -26.08
N GLY A 289 38.86 -6.18 -26.83
CA GLY A 289 38.88 -6.58 -28.23
C GLY A 289 38.03 -7.78 -28.61
N VAL A 290 37.29 -8.35 -27.64
CA VAL A 290 36.43 -9.53 -27.89
C VAL A 290 35.16 -9.17 -28.69
N GLY A 291 34.54 -10.19 -29.28
CA GLY A 291 33.32 -10.05 -30.08
C GLY A 291 32.08 -9.72 -29.28
N LYS A 292 30.96 -9.47 -30.00
CA LYS A 292 29.66 -9.13 -29.44
C LYS A 292 29.03 -10.25 -28.58
N ASP A 293 29.40 -11.51 -28.85
CA ASP A 293 28.91 -12.72 -28.17
C ASP A 293 29.23 -12.75 -26.66
N GLN A 294 30.28 -12.02 -26.23
CA GLN A 294 30.72 -11.95 -24.83
C GLN A 294 30.07 -10.80 -24.04
N PHE A 295 29.00 -10.20 -24.59
CA PHE A 295 28.27 -9.09 -23.97
C PHE A 295 26.89 -9.49 -23.45
N GLU A 296 26.52 -8.98 -22.26
CA GLU A 296 25.22 -9.21 -21.61
C GLU A 296 24.63 -7.89 -21.09
N GLU A 297 23.29 -7.81 -21.00
CA GLU A 297 22.55 -6.62 -20.54
C GLU A 297 22.90 -6.20 -19.11
N VAL A 298 23.18 -4.89 -18.92
CA VAL A 298 23.56 -4.28 -17.64
C VAL A 298 22.35 -4.24 -16.68
N GLU A 299 22.59 -4.53 -15.39
CA GLU A 299 21.59 -4.48 -14.33
C GLU A 299 21.33 -3.01 -13.99
N GLU A 300 20.14 -2.50 -14.36
CA GLU A 300 19.75 -1.11 -14.10
C GLU A 300 19.01 -1.03 -12.77
N PRO A 301 19.59 -0.34 -11.74
CA PRO A 301 18.94 -0.31 -10.41
C PRO A 301 17.60 0.42 -10.37
N LEU A 302 17.48 1.57 -11.05
CA LEU A 302 16.26 2.38 -11.09
C LEU A 302 15.13 1.68 -11.85
N ARG A 303 15.46 1.00 -12.97
CA ARG A 303 14.50 0.26 -13.80
C ARG A 303 13.90 -0.93 -13.04
N ARG A 304 14.76 -1.69 -12.33
CA ARG A 304 14.38 -2.87 -11.55
C ARG A 304 13.48 -2.50 -10.37
N LYS A 305 13.87 -1.47 -9.59
CA LYS A 305 13.14 -0.95 -8.42
C LYS A 305 11.80 -0.33 -8.84
N SER A 306 11.74 0.28 -10.04
CA SER A 306 10.53 0.88 -10.58
C SER A 306 9.52 -0.18 -11.01
N ILE A 307 9.96 -1.23 -11.75
CA ILE A 307 9.07 -2.31 -12.17
C ILE A 307 8.52 -3.08 -10.98
N TYR A 308 9.37 -3.37 -9.96
CA TYR A 308 8.97 -4.05 -8.73
C TYR A 308 7.86 -3.27 -8.03
N LEU A 309 8.03 -1.94 -7.89
CA LEU A 309 7.05 -1.04 -7.30
C LEU A 309 5.74 -1.06 -8.10
N VAL A 310 5.82 -0.96 -9.44
CA VAL A 310 4.67 -0.98 -10.34
C VAL A 310 3.88 -2.29 -10.14
N ILE A 311 4.57 -3.45 -10.21
CA ILE A 311 4.01 -4.79 -10.03
C ILE A 311 3.35 -4.97 -8.65
N ILE A 312 4.11 -4.74 -7.56
CA ILE A 312 3.63 -4.90 -6.17
C ILE A 312 2.44 -4.00 -5.82
N VAL A 313 2.51 -2.70 -6.17
CA VAL A 313 1.45 -1.74 -5.88
C VAL A 313 0.16 -2.03 -6.66
N LEU A 314 0.26 -2.34 -7.96
CA LEU A 314 -0.92 -2.68 -8.77
C LEU A 314 -1.60 -3.95 -8.26
N THR A 315 -0.80 -4.97 -7.85
CA THR A 315 -1.32 -6.23 -7.30
C THR A 315 -2.09 -5.94 -6.02
N VAL A 316 -1.46 -5.18 -5.13
CA VAL A 316 -2.01 -4.76 -3.84
C VAL A 316 -3.35 -3.96 -4.02
N PHE A 317 -3.44 -3.08 -5.04
CA PHE A 317 -4.68 -2.36 -5.30
C PHE A 317 -5.76 -3.30 -5.83
N ALA A 318 -5.37 -4.23 -6.72
CA ALA A 318 -6.27 -5.20 -7.33
C ALA A 318 -6.78 -6.27 -6.37
N VAL A 319 -5.95 -6.68 -5.42
CA VAL A 319 -6.29 -7.73 -4.45
C VAL A 319 -6.89 -7.17 -3.15
N SER A 320 -6.42 -6.02 -2.68
CA SER A 320 -6.86 -5.48 -1.40
C SER A 320 -7.65 -4.18 -1.46
N TYR A 321 -7.02 -3.09 -1.90
CA TYR A 321 -7.64 -1.76 -1.89
C TYR A 321 -8.94 -1.62 -2.67
N ILE A 322 -8.95 -2.01 -3.97
CA ILE A 322 -10.15 -1.96 -4.82
C ILE A 322 -11.24 -2.90 -4.28
N PRO A 323 -11.02 -4.23 -4.07
CA PRO A 323 -12.13 -5.06 -3.54
C PRO A 323 -12.73 -4.51 -2.25
N PHE A 324 -11.90 -4.07 -1.29
CA PHE A 324 -12.35 -3.52 -0.02
C PHE A 324 -13.24 -2.29 -0.16
N HIS A 325 -12.83 -1.30 -0.98
CA HIS A 325 -13.61 -0.08 -1.17
C HIS A 325 -14.93 -0.32 -1.86
N VAL A 326 -14.96 -1.27 -2.82
CA VAL A 326 -16.17 -1.64 -3.55
C VAL A 326 -17.14 -2.31 -2.56
N MET A 327 -16.64 -3.30 -1.81
CA MET A 327 -17.44 -4.07 -0.86
C MET A 327 -17.90 -3.31 0.37
N LYS A 328 -17.05 -2.40 0.88
CA LYS A 328 -17.37 -1.54 2.03
C LYS A 328 -18.60 -0.71 1.65
N THR A 329 -18.57 -0.11 0.45
CA THR A 329 -19.63 0.70 -0.13
C THR A 329 -20.89 -0.13 -0.39
N MET A 330 -20.74 -1.29 -1.09
CA MET A 330 -21.86 -2.19 -1.41
C MET A 330 -22.59 -2.64 -0.16
N ASN A 331 -21.85 -3.00 0.91
CA ASN A 331 -22.41 -3.47 2.17
C ASN A 331 -23.19 -2.39 2.91
N LEU A 332 -22.67 -1.15 2.93
CA LEU A 332 -23.37 -0.02 3.56
C LEU A 332 -24.65 0.30 2.80
N ARG A 333 -24.58 0.25 1.44
CA ARG A 333 -25.70 0.48 0.52
C ARG A 333 -26.83 -0.55 0.74
N ALA A 334 -26.46 -1.84 0.88
CA ALA A 334 -27.38 -2.95 1.15
C ALA A 334 -28.05 -2.76 2.53
N ARG A 335 -27.26 -2.40 3.55
CA ARG A 335 -27.76 -2.15 4.91
C ARG A 335 -28.77 -0.98 4.96
N LEU A 336 -28.51 0.06 4.18
CA LEU A 336 -29.35 1.27 4.17
C LEU A 336 -30.54 1.26 3.24
N ASP A 337 -30.34 0.83 2.01
CA ASP A 337 -31.32 0.97 0.94
C ASP A 337 -31.93 -0.32 0.37
N PHE A 338 -31.43 -1.49 0.78
CA PHE A 338 -31.92 -2.74 0.22
C PHE A 338 -32.54 -3.70 1.22
N GLN A 339 -33.24 -3.16 2.24
CA GLN A 339 -33.90 -3.96 3.26
C GLN A 339 -35.33 -4.32 2.85
N THR A 340 -35.43 -5.22 1.85
CA THR A 340 -36.66 -5.81 1.30
C THR A 340 -36.42 -7.33 1.28
N PRO A 341 -37.47 -8.17 1.49
CA PRO A 341 -37.25 -9.64 1.50
C PRO A 341 -36.59 -10.21 0.23
N ALA A 342 -36.94 -9.67 -0.95
CA ALA A 342 -36.42 -10.09 -2.25
C ALA A 342 -34.90 -9.80 -2.41
N MET A 343 -34.34 -8.88 -1.59
CA MET A 343 -32.93 -8.50 -1.63
C MET A 343 -32.06 -9.19 -0.59
N CYS A 344 -32.66 -9.80 0.45
CA CYS A 344 -31.96 -10.44 1.57
C CYS A 344 -30.87 -11.45 1.20
N ALA A 345 -31.14 -12.36 0.24
CA ALA A 345 -30.19 -13.37 -0.24
C ALA A 345 -28.95 -12.70 -0.86
N PHE A 346 -29.17 -11.67 -1.71
CA PHE A 346 -28.09 -10.92 -2.35
C PHE A 346 -27.28 -10.16 -1.30
N ASN A 347 -27.95 -9.49 -0.32
CA ASN A 347 -27.29 -8.73 0.76
C ASN A 347 -26.34 -9.62 1.56
N ASP A 348 -26.74 -10.88 1.78
CA ASP A 348 -25.95 -11.89 2.50
C ASP A 348 -24.65 -12.20 1.78
N ARG A 349 -24.71 -12.36 0.44
CA ARG A 349 -23.56 -12.60 -0.42
C ARG A 349 -22.62 -11.40 -0.40
N VAL A 350 -23.18 -10.18 -0.45
CA VAL A 350 -22.43 -8.92 -0.40
C VAL A 350 -21.68 -8.85 0.96
N TYR A 351 -22.40 -9.18 2.07
CA TYR A 351 -21.87 -9.15 3.42
C TYR A 351 -20.70 -10.13 3.57
N ALA A 352 -20.88 -11.39 3.08
CA ALA A 352 -19.86 -12.45 3.11
C ALA A 352 -18.63 -12.05 2.28
N THR A 353 -18.84 -11.48 1.08
CA THR A 353 -17.75 -11.03 0.21
C THR A 353 -17.00 -9.88 0.85
N TYR A 354 -17.73 -8.95 1.51
CA TYR A 354 -17.15 -7.82 2.24
C TYR A 354 -16.22 -8.33 3.37
N GLN A 355 -16.65 -9.34 4.14
CA GLN A 355 -15.85 -9.98 5.20
C GLN A 355 -14.51 -10.47 4.66
N VAL A 356 -14.52 -11.09 3.44
CA VAL A 356 -13.31 -11.56 2.75
C VAL A 356 -12.34 -10.39 2.51
N THR A 357 -12.86 -9.28 1.96
CA THR A 357 -12.07 -8.08 1.63
C THR A 357 -11.53 -7.38 2.87
N ARG A 358 -12.20 -7.53 4.03
CA ARG A 358 -11.72 -6.96 5.30
C ARG A 358 -10.38 -7.65 5.69
N GLY A 359 -10.30 -8.97 5.49
CA GLY A 359 -9.10 -9.76 5.72
C GLY A 359 -8.00 -9.39 4.74
N LEU A 360 -8.36 -9.23 3.45
CA LEU A 360 -7.42 -8.82 2.38
C LEU A 360 -6.86 -7.42 2.63
N ALA A 361 -7.71 -6.50 3.15
CA ALA A 361 -7.32 -5.13 3.50
C ALA A 361 -6.24 -5.15 4.60
N SER A 362 -6.40 -6.01 5.61
CA SER A 362 -5.44 -6.12 6.72
C SER A 362 -4.10 -6.71 6.29
N LEU A 363 -4.11 -7.63 5.31
CA LEU A 363 -2.93 -8.30 4.76
C LEU A 363 -1.82 -7.39 4.24
N ASN A 364 -2.18 -6.15 3.80
CA ASN A 364 -1.23 -5.13 3.31
C ASN A 364 -0.10 -4.86 4.29
N SER A 365 -0.41 -4.85 5.60
CA SER A 365 0.53 -4.61 6.70
C SER A 365 1.71 -5.57 6.74
N CYS A 366 1.52 -6.80 6.22
CA CYS A 366 2.60 -7.78 6.17
C CYS A 366 3.15 -8.02 4.75
N VAL A 367 2.58 -7.34 3.74
CA VAL A 367 3.00 -7.38 2.32
C VAL A 367 3.95 -6.20 2.04
N ASN A 368 3.62 -5.00 2.57
CA ASN A 368 4.41 -3.77 2.42
C ASN A 368 5.91 -3.88 2.76
N PRO A 369 6.40 -4.61 3.81
CA PRO A 369 7.86 -4.71 4.02
C PRO A 369 8.68 -5.17 2.81
N ILE A 370 8.12 -6.05 1.95
CA ILE A 370 8.76 -6.57 0.73
C ILE A 370 9.24 -5.41 -0.19
N LEU A 371 8.44 -4.31 -0.22
CA LEU A 371 8.68 -3.10 -1.00
C LEU A 371 9.95 -2.35 -0.59
N TYR A 372 10.35 -2.46 0.69
CA TYR A 372 11.54 -1.79 1.21
C TYR A 372 12.83 -2.48 0.79
N PHE A 373 12.75 -3.77 0.47
CA PHE A 373 13.91 -4.58 0.08
C PHE A 373 14.01 -4.84 -1.44
N LEU A 374 12.90 -4.69 -2.18
CA LEU A 374 12.85 -4.91 -3.63
C LEU A 374 12.66 -3.62 -4.46
N ALA A 375 12.03 -2.58 -3.87
CA ALA A 375 11.76 -1.32 -4.56
C ALA A 375 12.43 -0.11 -3.86
N GLY A 376 13.07 -0.38 -2.72
CA GLY A 376 13.76 0.63 -1.93
C GLY A 376 15.26 0.65 -2.09
N ASP A 377 15.87 1.74 -1.63
CA ASP A 377 17.32 1.97 -1.66
C ASP A 377 18.05 1.07 -0.65
N THR A 378 19.25 0.60 -1.02
CA THR A 378 20.10 -0.27 -0.20
C THR A 378 20.38 0.30 1.19
N PHE A 379 20.41 -0.56 2.22
CA PHE A 379 20.67 -0.16 3.60
C PHE A 379 22.17 0.05 3.84
N ARG A 380 22.58 1.34 3.91
CA ARG A 380 23.97 1.75 4.08
C ARG A 380 24.09 3.00 4.97
N ARG A 381 25.15 3.04 5.80
CA ARG A 381 25.45 4.16 6.70
C ARG A 381 26.72 4.90 6.25
N ARG A 382 26.54 6.01 5.52
CA ARG A 382 27.62 6.86 5.00
C ARG A 382 27.82 8.09 5.88
FAE BUR B . 4.70 -8.85 19.38
CBF BUR B . 4.80 -9.11 20.72
FAF BUR B . 6.04 -9.54 20.94
FAG BUR B . 3.88 -10.13 21.07
OAW BUR B . 4.59 -7.90 21.51
CAZ BUR B . 3.33 -7.32 21.43
CAQ BUR B . 3.09 -6.29 20.50
CAO BUR B . 1.83 -5.71 20.42
CAR BUR B . 2.32 -7.72 22.30
CAP BUR B . 1.05 -7.14 22.21
CAY BUR B . 0.78 -6.12 21.27
NAT BUR B . -0.41 -5.46 21.16
CAX BUR B . -1.45 -5.53 22.05
OAD BUR B . -1.43 -6.28 23.02
NAU BUR B . -2.55 -4.81 21.72
CBA BUR B . -3.64 -4.67 22.54
CAL BUR B . -4.10 -5.63 23.45
CAJ BUR B . -5.21 -5.37 24.27
CAK BUR B . -5.86 -4.13 24.17
NAS BUR B . -5.38 -3.17 23.25
CBC BUR B . -4.32 -3.44 22.44
OAV BUR B . -3.82 -2.54 21.52
CBB BUR B . -4.59 -1.50 21.04
CAM BUR B . -5.90 -1.72 20.57
CAH BUR B . -6.67 -0.66 20.10
CAI BUR B . -6.13 0.61 20.01
CAN BUR B . -4.81 0.83 20.43
CBD BUR B . -4.00 -0.21 20.94
CBE BUR B . -2.64 0.13 21.36
CAC BUR B . -1.58 -0.66 20.57
CAA BUR B . -2.33 1.63 21.17
CAB BUR B . -2.44 -0.16 22.86
C1 CLR C . -20.00 15.84 8.30
C2 CLR C . -21.39 15.20 8.56
C3 CLR C . -21.99 14.65 7.23
C4 CLR C . -21.03 13.63 6.56
C5 CLR C . -19.63 14.19 6.38
C6 CLR C . -19.05 14.06 5.17
C7 CLR C . -17.69 14.57 4.81
C8 CLR C . -16.83 15.01 6.03
C9 CLR C . -17.75 15.80 7.07
C10 CLR C . -18.95 14.89 7.60
C11 CLR C . -16.97 16.66 8.13
C12 CLR C . -15.68 17.38 7.64
C13 CLR C . -14.72 16.47 6.80
C14 CLR C . -15.60 15.89 5.59
C15 CLR C . -14.60 15.34 4.59
C16 CLR C . -13.42 16.32 4.67
C17 CLR C . -13.62 17.24 5.93
C18 CLR C . -14.05 15.39 7.73
C19 CLR C . -18.44 13.77 8.60
C20 CLR C . -12.26 17.78 6.54
C21 CLR C . -12.41 18.60 7.85
C22 CLR C . -11.50 18.69 5.51
C23 CLR C . -9.97 18.49 5.63
C24 CLR C . -9.20 19.26 4.53
C25 CLR C . -7.72 19.68 4.90
C26 CLR C . -7.63 21.04 5.61
C27 CLR C . -6.88 18.62 5.64
O1 CLR C . -23.20 14.00 7.60
CAA Y01 D . -10.92 -5.44 -16.15
CBA Y01 D . -9.48 -5.04 -15.83
CAB Y01 D . -8.58 -5.47 -16.98
CAN Y01 D . -9.02 -5.74 -14.53
CAJ Y01 D . -9.30 -4.85 -13.31
CAO Y01 D . -8.61 -5.42 -12.05
CBB Y01 D . -9.41 -5.16 -10.74
CAC Y01 D . -9.87 -3.68 -10.68
CBE Y01 D . -10.56 -6.22 -10.54
CAP Y01 D . -9.98 -7.68 -10.44
CAQ Y01 D . -10.89 -8.46 -9.46
CBG Y01 D . -12.11 -7.55 -9.36
CBI Y01 D . -11.54 -6.10 -9.31
CAE Y01 D . -10.81 -5.72 -7.96
CAU Y01 D . -12.76 -5.14 -9.55
CAS Y01 D . -13.90 -5.34 -8.49
CBF Y01 D . -14.35 -6.86 -8.29
CBD Y01 D . -13.14 -7.87 -8.23
CAK Y01 D . -13.69 -9.33 -8.31
CAI Y01 D . -14.78 -9.53 -7.44
CAZ Y01 D . -15.59 -8.52 -6.90
CAV Y01 D . -16.65 -8.98 -6.07
CBH Y01 D . -15.35 -7.09 -7.09
CAD Y01 D . -14.77 -6.47 -5.77
CAT Y01 D . -16.70 -6.39 -7.44
CAR Y01 D . -17.88 -6.84 -6.53
CBC Y01 D . -17.99 -8.37 -6.46
OAW Y01 D . -18.95 -8.72 -5.43
CAY Y01 D . -20.20 -9.09 -5.80
OAG Y01 D . -20.53 -9.48 -6.91
CAM Y01 D . -21.22 -9.00 -4.64
CAL Y01 D . -22.12 -10.24 -4.52
CAX Y01 D . -21.34 -11.56 -4.65
OAH Y01 D . -20.45 -11.81 -3.81
OAF Y01 D . -21.66 -12.30 -5.61
CAA Y01 E . -10.16 19.48 -4.58
CBA Y01 E . -10.16 19.34 -3.05
CAB Y01 E . -10.07 20.74 -2.45
CAN Y01 E . -8.97 18.49 -2.54
CAJ Y01 E . -9.16 17.00 -2.85
CAO Y01 E . -8.62 16.12 -1.71
CBB Y01 E . -7.55 15.09 -2.19
CAC Y01 E . -7.87 14.57 -3.60
CBE Y01 E . -6.07 15.62 -2.07
CAP Y01 E . -5.85 16.50 -0.78
CAQ Y01 E . -4.45 16.19 -0.25
CBG Y01 E . -3.83 15.47 -1.44
CBI Y01 E . -4.94 14.53 -1.99
CAE Y01 E . -5.31 13.33 -1.05
CAU Y01 E . -4.47 14.03 -3.41
CAS Y01 E . -3.10 13.29 -3.35
CBF Y01 E . -1.97 14.15 -2.65
CBD Y01 E . -2.43 14.78 -1.26
CAK Y01 E . -1.34 15.78 -0.77
CAI Y01 E . -0.02 15.34 -0.98
CAZ Y01 E . 0.38 14.27 -1.81
CAV Y01 E . 1.79 14.05 -1.84
CBH Y01 E . -0.56 13.41 -2.51
CAD Y01 E . -0.73 12.08 -1.74
CAT Y01 E . -0.02 13.11 -3.95
CAR Y01 E . 1.51 12.73 -3.98
CBC Y01 E . 2.33 13.80 -3.27
OAW Y01 E . 3.71 13.37 -3.18
CAY Y01 E . 4.64 14.13 -3.84
OAG Y01 E . 4.45 15.29 -4.24
CAM Y01 E . 5.99 13.43 -4.04
CAL Y01 E . 7.14 14.44 -4.18
CAX Y01 E . 8.48 13.71 -4.36
OAH Y01 E . 8.99 13.19 -3.34
OAF Y01 E . 8.98 13.70 -5.50
CAA Y01 F . 6.46 -12.04 16.32
CBA Y01 F . 5.93 -12.32 17.73
CAB Y01 F . 7.05 -12.09 18.75
CAN Y01 F . 5.47 -13.78 17.80
CAJ Y01 F . 3.95 -13.84 17.79
CAO Y01 F . 3.46 -14.59 19.05
CBB Y01 F . 2.09 -15.24 18.79
CAC Y01 F . 2.30 -16.74 19.03
CBE Y01 F . 0.99 -14.64 19.72
CAP Y01 F . 0.90 -13.07 19.57
CAQ Y01 F . -0.57 -12.71 19.40
CBG Y01 F . -1.18 -13.84 20.18
CBI Y01 F . -0.52 -15.12 19.58
CAE Y01 F . -0.95 -15.45 18.12
CAU Y01 F . -0.85 -16.32 20.55
CAS Y01 F . -2.38 -16.48 20.80
CBF Y01 F . -3.13 -15.12 21.20
CBD Y01 F . -2.72 -13.89 20.28
CAK Y01 F . -3.28 -12.59 20.90
CAI Y01 F . -4.61 -12.71 21.30
CAZ Y01 F . -5.31 -13.92 21.53
CAV Y01 F . -6.65 -13.76 21.96
CBH Y01 F . -4.71 -15.23 21.34
CAD Y01 F . -5.30 -15.96 20.10
CAT Y01 F . -5.02 -16.07 22.60
CAR Y01 F . -6.52 -16.00 23.03
CBC Y01 F . -6.94 -14.54 23.25
OAW Y01 F . -8.38 -14.46 23.55
CAY Y01 F . -8.86 -14.88 24.77
OAG Y01 F . -8.17 -15.15 25.75
CAM Y01 F . -10.39 -14.94 24.85
CAL Y01 F . -10.85 -16.31 25.38
CAX Y01 F . -12.27 -16.22 25.99
OAH Y01 F . -12.47 -15.31 26.83
OAF Y01 F . -13.10 -17.08 25.62
C10 OLC G . -12.97 -1.60 -10.89
C9 OLC G . -14.42 -1.57 -10.35
C11 OLC G . -12.21 -0.27 -11.02
C8 OLC G . -15.05 -0.20 -10.05
C24 OLC G . -26.66 -3.94 -7.52
C12 OLC G . -11.17 -0.39 -12.14
C7 OLC G . -16.26 -0.38 -9.12
C13 OLC G . -9.84 0.20 -11.69
C6 OLC G . -17.50 -0.76 -9.91
C14 OLC G . -9.70 1.63 -12.20
C5 OLC G . -18.29 -1.81 -9.13
C4 OLC G . -19.59 -1.20 -8.62
C3 OLC G . -20.51 -2.30 -8.12
C2 OLC G . -21.74 -2.35 -9.03
C21 OLC G . -24.33 -3.19 -6.88
C1 OLC G . -22.98 -1.86 -8.29
C22 OLC G . -25.84 -3.01 -6.63
O19 OLC G . -23.07 -0.69 -7.93
O25 OLC G . -27.79 -3.23 -8.02
O23 OLC G . -26.15 -3.30 -5.26
O20 OLC G . -24.00 -2.78 -8.21
C10 OLC H . -12.69 17.35 13.58
C9 OLC H . -13.98 16.52 13.55
C11 OLC H . -12.19 18.02 12.30
C8 OLC H . -14.77 16.36 12.23
C24 OLC H . -26.61 12.53 11.50
C12 OLC H . -10.67 18.23 12.44
C7 OLC H . -16.27 16.19 12.54
C13 OLC H . -10.39 19.70 12.76
C6 OLC H . -16.58 14.77 13.04
C14 OLC H . -9.07 20.12 12.12
C5 OLC H . -17.98 14.74 13.67
C4 OLC H . -18.95 13.94 12.79
C3 OLC H . -20.38 14.26 13.21
C2 OLC H . -21.38 13.56 12.27
C21 OLC H . -24.91 13.88 12.77
C1 OLC H . -22.70 14.35 12.09
C22 OLC H . -26.21 13.93 11.95
O19 OLC H . -22.70 15.58 12.00
O25 OLC H . -27.88 12.56 10.84
O23 OLC H . -27.25 14.48 12.78
O20 OLC H . -23.79 13.56 11.91
C18 OLC I . 0.48 19.56 15.59
C10 OLC I . -5.17 11.80 17.10
C9 OLC I . -5.93 10.64 17.80
C17 OLC I . 0.27 18.05 15.73
C11 OLC I . -4.22 12.68 17.92
C8 OLC I . -5.71 10.39 19.30
C24 OLC I . -15.83 7.85 25.85
C16 OLC I . -1.16 17.76 16.18
C12 OLC I . -4.33 14.13 17.44
C7 OLC I . -7.03 10.64 20.05
C15 OLC I . -1.40 16.25 16.22
C13 OLC I . -2.96 14.81 17.56
C6 OLC I . -7.68 9.30 20.42
C14 OLC I . -2.87 15.98 16.56
C5 OLC I . -9.11 9.57 20.88
C4 OLC I . -9.72 8.32 21.55
C3 OLC I . -11.23 8.51 21.71
C2 OLC I . -11.57 8.81 23.17
C21 OLC I . -15.00 8.94 23.72
C1 OLC I . -12.82 9.72 23.31
C22 OLC I . -16.09 8.96 24.81
O19 OLC I . -12.88 10.79 22.71
O25 OLC I . -17.07 7.31 26.30
O23 OLC I . -16.13 10.24 25.44
O20 OLC I . -13.72 9.32 24.25
C18 OLC J . 6.29 -11.17 3.89
C10 OLC J . -2.27 -15.03 3.41
C9 OLC J . -3.67 -15.54 3.01
C17 OLC J . 5.52 -12.19 3.04
C11 OLC J . -1.45 -14.18 2.42
C8 OLC J . -4.24 -15.17 1.62
C24 OLC J . -15.17 -15.68 5.20
C16 OLC J . 4.07 -11.75 2.88
C12 OLC J . 0.05 -14.43 2.61
C7 OLC J . -5.70 -14.75 1.75
C15 OLC J . 3.13 -12.91 3.22
C13 OLC J . 0.68 -13.39 3.53
C6 OLC J . -6.62 -15.91 1.40
C14 OLC J . 1.71 -12.57 2.74
C5 OLC J . -8.06 -15.39 1.29
C4 OLC J . -9.04 -16.56 1.31
C3 OLC J . -10.46 -16.00 1.43
C2 OLC J . -11.49 -17.06 1.03
C21 OLC J . -14.19 -17.09 3.32
C1 OLC J . -12.15 -17.65 2.29
C22 OLC J . -14.47 -17.00 4.82
O19 OLC J . -12.03 -18.85 2.55
O25 OLC J . -16.54 -15.67 4.82
O23 OLC J . -15.22 -18.13 5.25
O20 OLC J . -12.82 -16.75 3.08
C18 OLC K . -3.66 20.66 14.02
C10 OLC K . -9.88 14.54 17.41
C9 OLC K . -11.35 14.08 17.60
C17 OLC K . -4.85 19.74 13.76
C11 OLC K . -9.48 15.11 16.03
C8 OLC K . -12.31 14.17 16.39
C24 OLC K . -19.71 8.21 22.40
C16 OLC K . -5.13 18.88 15.01
C12 OLC K . -7.97 15.00 15.78
C7 OLC K . -13.69 14.64 16.81
C15 OLC K . -6.48 18.17 14.86
C13 OLC K . -7.60 15.93 14.63
C6 OLC K . -14.61 13.42 17.02
C14 OLC K . -6.28 16.64 14.92
C5 OLC K . -15.01 13.33 18.50
C4 OLC K . -14.57 12.00 19.09
C3 OLC K . -15.15 11.83 20.49
C2 OLC K . -16.18 10.69 20.54
C21 OLC K . -19.47 9.77 20.43
C1 OLC K . -17.60 11.17 20.26
C22 OLC K . -20.44 9.17 21.45
O19 OLC K . -17.83 12.01 19.39
O25 OLC K . -20.28 6.89 22.36
O23 OLC K . -21.05 10.22 22.20
O20 OLC K . -18.55 10.66 21.09
C18 OLC L . 7.77 -15.59 9.07
C10 OLC L . -0.89 -18.84 10.44
C9 OLC L . -2.29 -19.26 10.92
C17 OLC L . 7.20 -16.61 10.06
C11 OLC L . 0.17 -18.42 11.47
C8 OLC L . -2.59 -19.23 12.43
C24 OLC L . -13.28 -18.85 19.00
C16 OLC L . 5.95 -17.27 9.47
C12 OLC L . 1.20 -17.50 10.81
C7 OLC L . -4.08 -18.99 12.63
C15 OLC L . 4.74 -16.94 10.35
C13 OLC L . 2.61 -18.04 11.02
C6 OLC L . -4.65 -20.03 13.60
C14 OLC L . 3.49 -17.66 9.83
C5 OLC L . -6.13 -20.25 13.31
C4 OLC L . -6.95 -19.71 14.48
C3 OLC L . -8.42 -19.63 14.07
C2 OLC L . -9.16 -18.71 15.04
C21 OLC L . -11.74 -18.21 17.14
C1 OLC L . -10.45 -19.38 15.57
C22 OLC L . -13.18 -18.59 17.49
O19 OLC L . -10.51 -20.59 15.80
O25 OLC L . -14.55 -19.45 19.29
O23 OLC L . -14.07 -17.52 17.14
O20 OLC L . -11.50 -18.53 15.75
C10 OLC M . -11.42 3.62 -9.08
C9 OLC M . -12.17 2.57 -8.23
C11 OLC M . -12.16 4.87 -9.56
C8 OLC M . -13.64 2.81 -7.87
C24 OLC M . -23.38 -0.29 -4.24
C12 OLC M . -11.33 5.55 -10.67
C7 OLC M . -14.07 1.80 -6.79
C15 OLC M . -12.78 6.94 -13.99
C13 OLC M . -12.12 5.55 -11.99
C6 OLC M . -14.27 2.47 -5.42
C14 OLC M . -11.79 6.80 -12.82
C5 OLC M . -15.60 3.25 -5.37
C4 OLC M . -16.68 2.53 -4.56
C3 OLC M . -17.62 1.69 -5.44
C2 OLC M . -18.54 2.58 -6.28
C21 OLC M . -21.20 0.54 -5.14
C1 OLC M . -19.99 2.48 -5.81
C22 OLC M . -22.69 0.86 -4.96
O19 OLC M . -20.52 3.43 -5.23
O25 OLC M . -24.73 -0.43 -4.70
O23 OLC M . -22.84 2.06 -4.19
O20 OLC M . -20.66 1.35 -6.21
C18 OLC N . 0.20 -5.81 -12.71
C10 OLC N . -7.61 -10.52 -9.08
C9 OLC N . -8.57 -10.91 -7.92
C17 OLC N . -0.14 -6.85 -11.63
C11 OLC N . -6.47 -9.51 -8.83
C8 OLC N . -8.38 -10.31 -6.52
C24 OLC N . -18.72 -15.24 -1.53
C16 OLC N . -1.61 -6.73 -11.20
C12 OLC N . -5.79 -9.18 -10.16
C7 OLC N . -9.74 -9.79 -6.02
C15 OLC N . -2.12 -8.10 -10.76
C13 OLC N . -4.27 -9.11 -9.96
C6 OLC N . -10.19 -10.55 -4.76
C14 OLC N . -3.63 -8.22 -11.04
C5 OLC N . -11.68 -10.28 -4.53
C4 OLC N . -12.16 -11.04 -3.30
C3 OLC N . -13.61 -11.53 -3.49
C2 OLC N . -13.84 -12.84 -2.73
C21 OLC N . -16.29 -14.71 -1.13
C1 OLC N . -15.34 -13.20 -2.68
C22 OLC N . -17.68 -14.81 -0.48
O19 OLC N . -16.00 -13.26 -3.73
O25 OLC N . -20.01 -14.75 -1.17
O23 OLC N . -17.66 -15.78 0.57
O20 OLC N . -15.88 -13.36 -1.43
OH2 1PE O . -5.05 -8.63 25.89
C12 1PE O . -4.41 -9.77 25.35
C22 1PE O . -3.32 -9.33 24.38
OH3 1PE O . -2.12 -10.09 24.61
C13 1PE O . 0.24 -10.24 24.13
C23 1PE O . -1.13 -9.72 23.67
OH4 1PE O . 0.46 -11.56 23.61
C14 1PE O . -0.56 -13.65 24.33
C24 1PE O . 0.44 -12.53 24.66
OH5 1PE O . -1.22 -14.08 25.52
C15 1PE O . -3.19 -13.68 26.86
C25 1PE O . -2.63 -13.79 25.44
OH6 1PE O . -4.48 -14.29 26.89
C16 1PE O . -6.27 -14.61 28.47
C26 1PE O . -4.77 -14.71 28.23
OH7 1PE O . -6.83 -15.93 28.36
ZN ZN P . 35.90 -5.94 -23.17
#